data_8A3K
#
_entry.id   8A3K
#
_cell.length_a   28.082
_cell.length_b   38.856
_cell.length_c   56.828
_cell.angle_alpha   90.000
_cell.angle_beta   101.884
_cell.angle_gamma   90.000
#
_symmetry.space_group_name_H-M   'P 1 21 1'
#
_entity_poly.entity_id   1
_entity_poly.type   'polypeptide(L)'
_entity_poly.pdbx_seq_one_letter_code
;GSMHMQLEEIAQQLEEIAKQLKKIAWQLKKIAQGEPSAQGQLEEIAQQLEEIAKQLKKIAWQLKKIAQGPDSVQLEEIAQ
QLEEIAKQLKKIAWQLKKIAQGGTSGGQLEEIAQQLEEIAKQLKKIAWQLKKIAQ
;
_entity_poly.pdbx_strand_id   UNK
#
# COMPACT_ATOMS: atom_id res chain seq x y z
N HIS A 4 -1.57 -23.71 6.55
CA HIS A 4 -0.75 -22.84 5.67
C HIS A 4 -1.60 -22.34 4.50
N MET A 5 -2.92 -22.38 4.66
CA MET A 5 -3.82 -22.04 3.52
C MET A 5 -3.93 -20.52 3.39
N GLN A 6 -4.57 -19.88 4.35
CA GLN A 6 -4.80 -18.42 4.19
C GLN A 6 -3.46 -17.68 4.18
N LEU A 7 -2.41 -18.24 4.78
CA LEU A 7 -1.13 -17.55 4.66
C LEU A 7 -0.65 -17.51 3.23
N GLU A 8 -0.77 -18.62 2.50
CA GLU A 8 -0.55 -18.55 1.06
C GLU A 8 -1.51 -17.53 0.43
N GLU A 9 -2.78 -17.57 0.81
CA GLU A 9 -3.73 -16.63 0.23
C GLU A 9 -3.40 -15.20 0.64
N ILE A 10 -2.99 -14.99 1.88
CA ILE A 10 -2.66 -13.64 2.32
C ILE A 10 -1.48 -13.11 1.50
N ALA A 11 -0.44 -13.93 1.36
CA ALA A 11 0.73 -13.51 0.61
C ALA A 11 0.37 -13.18 -0.84
N GLN A 12 -0.56 -13.96 -1.42
CA GLN A 12 -0.97 -13.67 -2.79
C GLN A 12 -1.68 -12.33 -2.87
N GLN A 13 -2.56 -12.05 -1.91
CA GLN A 13 -3.22 -10.73 -1.89
C GLN A 13 -2.20 -9.62 -1.75
N LEU A 14 -1.14 -9.85 -0.98
CA LEU A 14 -0.13 -8.83 -0.80
C LEU A 14 0.66 -8.60 -2.09
N GLU A 15 0.93 -9.67 -2.84
CA GLU A 15 1.59 -9.49 -4.13
C GLU A 15 0.71 -8.68 -5.09
N GLU A 16 -0.59 -8.99 -5.13
CA GLU A 16 -1.52 -8.22 -5.95
C GLU A 16 -1.54 -6.74 -5.55
N ILE A 17 -1.49 -6.46 -4.26
CA ILE A 17 -1.52 -5.08 -3.80
C ILE A 17 -0.24 -4.34 -4.17
N ALA A 18 0.91 -5.02 -4.04
CA ALA A 18 2.15 -4.40 -4.47
C ALA A 18 2.09 -4.00 -5.94
N LYS A 19 1.57 -4.89 -6.80
CA LYS A 19 1.39 -4.54 -8.19
C LYS A 19 0.51 -3.31 -8.35
N GLN A 20 -0.62 -3.28 -7.63
CA GLN A 20 -1.51 -2.12 -7.67
C GLN A 20 -0.77 -0.85 -7.30
N LEU A 21 0.09 -0.91 -6.29
CA LEU A 21 0.77 0.29 -5.82
C LEU A 21 1.78 0.77 -6.84
N LYS A 22 2.43 -0.16 -7.54
CA LYS A 22 3.33 0.20 -8.61
C LYS A 22 2.59 0.91 -9.74
N LYS A 23 1.44 0.37 -10.13
CA LYS A 23 0.67 1.02 -11.19
C LYS A 23 0.24 2.42 -10.76
N ILE A 24 -0.13 2.57 -9.49
CA ILE A 24 -0.55 3.89 -9.01
C ILE A 24 0.63 4.86 -8.99
N ALA A 25 1.82 4.37 -8.62
CA ALA A 25 2.99 5.23 -8.64
C ALA A 25 3.25 5.76 -10.05
N TRP A 26 3.13 4.88 -11.05
CA TRP A 26 3.25 5.31 -12.45
C TRP A 26 2.20 6.37 -12.80
N GLN A 27 0.94 6.11 -12.43
CA GLN A 27 -0.13 7.07 -12.66
C GLN A 27 0.21 8.43 -12.06
N LEU A 28 0.72 8.42 -10.83
CA LEU A 28 1.04 9.68 -10.16
C LEU A 28 2.15 10.41 -10.89
N LYS A 29 3.17 9.69 -11.37
CA LYS A 29 4.19 10.36 -12.16
C LYS A 29 3.60 11.04 -13.39
N LYS A 30 2.68 10.35 -14.07
CA LYS A 30 2.05 10.94 -15.24
C LYS A 30 1.24 12.19 -14.87
N ILE A 31 0.47 12.12 -13.78
CA ILE A 31 -0.23 13.31 -13.31
C ILE A 31 0.74 14.44 -13.01
N ALA A 32 1.83 14.12 -12.33
CA ALA A 32 2.80 15.14 -11.95
C ALA A 32 3.35 15.86 -13.17
N GLN A 33 3.52 15.14 -14.29
CA GLN A 33 3.97 15.80 -15.51
C GLN A 33 3.07 16.98 -15.86
N GLY A 34 1.78 16.88 -15.56
CA GLY A 34 0.84 17.92 -15.93
C GLY A 34 0.32 18.75 -14.78
N GLU A 35 1.07 18.84 -13.68
CA GLU A 35 0.66 19.66 -12.54
C GLU A 35 1.85 20.44 -12.01
N PRO A 36 2.13 21.62 -12.56
CA PRO A 36 3.30 22.39 -12.10
C PRO A 36 3.25 22.74 -10.63
N SER A 37 2.06 22.90 -10.04
CA SER A 37 1.96 23.40 -8.69
C SER A 37 2.24 22.34 -7.62
N ALA A 38 2.27 21.05 -7.98
CA ALA A 38 2.50 20.00 -6.99
C ALA A 38 3.36 18.88 -7.52
N GLN A 39 3.98 19.04 -8.71
CA GLN A 39 4.70 17.95 -9.36
C GLN A 39 5.71 17.31 -8.41
N GLY A 40 6.55 18.14 -7.78
CA GLY A 40 7.52 17.62 -6.83
C GLY A 40 6.88 16.72 -5.79
N GLN A 41 5.86 17.24 -5.11
CA GLN A 41 5.20 16.43 -4.11
C GLN A 41 4.75 15.10 -4.71
N LEU A 42 4.08 15.17 -5.84
CA LEU A 42 3.54 13.94 -6.43
C LEU A 42 4.67 12.96 -6.73
N GLU A 43 5.78 13.46 -7.27
CA GLU A 43 6.86 12.54 -7.58
C GLU A 43 7.38 11.86 -6.32
N GLU A 44 7.54 12.63 -5.24
CA GLU A 44 7.97 12.04 -3.97
C GLU A 44 7.02 10.92 -3.57
N ILE A 45 5.72 11.19 -3.69
CA ILE A 45 4.74 10.22 -3.24
C ILE A 45 4.86 8.97 -4.07
N ALA A 46 5.06 9.13 -5.38
CA ALA A 46 5.21 7.95 -6.23
C ALA A 46 6.40 7.13 -5.76
N GLN A 47 7.51 7.82 -5.43
CA GLN A 47 8.67 7.11 -4.92
C GLN A 47 8.29 6.34 -3.67
N GLN A 48 7.58 7.00 -2.75
CA GLN A 48 7.16 6.33 -1.52
C GLN A 48 6.37 5.07 -1.86
N LEU A 49 5.45 5.19 -2.80
CA LEU A 49 4.61 4.04 -3.13
C LEU A 49 5.46 2.92 -3.70
N GLU A 50 6.43 3.24 -4.55
CA GLU A 50 7.24 2.17 -5.11
C GLU A 50 7.99 1.47 -4.01
N GLU A 51 8.51 2.24 -3.05
CA GLU A 51 9.22 1.61 -1.92
C GLU A 51 8.26 0.73 -1.13
N ILE A 52 7.02 1.18 -0.93
CA ILE A 52 6.09 0.36 -0.16
C ILE A 52 5.80 -0.93 -0.91
N ALA A 53 5.65 -0.87 -2.23
CA ALA A 53 5.39 -2.08 -2.97
C ALA A 53 6.51 -3.08 -2.73
N LYS A 54 7.75 -2.59 -2.72
CA LYS A 54 8.85 -3.51 -2.46
C LYS A 54 8.70 -4.17 -1.10
N GLN A 55 8.36 -3.38 -0.08
CA GLN A 55 8.26 -3.99 1.25
C GLN A 55 7.14 -5.02 1.25
N LEU A 56 6.04 -4.76 0.55
CA LEU A 56 4.95 -5.73 0.59
C LEU A 56 5.40 -7.01 -0.10
N LYS A 57 6.12 -6.88 -1.22
CA LYS A 57 6.64 -8.08 -1.88
C LYS A 57 7.51 -8.87 -0.92
N LYS A 58 8.41 -8.18 -0.21
CA LYS A 58 9.26 -8.86 0.76
C LYS A 58 8.40 -9.60 1.77
N ILE A 59 7.40 -8.92 2.32
CA ILE A 59 6.56 -9.53 3.32
C ILE A 59 5.87 -10.75 2.74
N ALA A 60 5.35 -10.62 1.51
CA ALA A 60 4.66 -11.76 0.91
C ALA A 60 5.60 -12.94 0.83
N TRP A 61 6.84 -12.68 0.38
CA TRP A 61 7.85 -13.72 0.34
C TRP A 61 7.94 -14.42 1.68
N GLN A 62 8.09 -13.64 2.75
CA GLN A 62 8.24 -14.21 4.08
C GLN A 62 7.03 -15.08 4.41
N LEU A 63 5.84 -14.58 4.14
CA LEU A 63 4.64 -15.35 4.43
C LEU A 63 4.64 -16.67 3.69
N LYS A 64 5.08 -16.63 2.42
CA LYS A 64 5.10 -17.85 1.61
C LYS A 64 5.98 -18.91 2.26
N LYS A 65 7.03 -18.48 2.94
CA LYS A 65 7.93 -19.45 3.54
C LYS A 65 7.35 -20.01 4.83
N ILE A 66 6.91 -19.11 5.72
CA ILE A 66 6.37 -19.51 7.01
C ILE A 66 5.11 -20.36 6.87
N ALA A 67 4.39 -20.23 5.76
CA ALA A 67 3.15 -20.99 5.60
C ALA A 67 3.42 -22.49 5.59
N PRO A 70 5.54 -22.30 10.58
CA PRO A 70 5.41 -20.91 11.02
C PRO A 70 5.69 -20.70 12.51
N ASP A 71 5.47 -19.48 12.98
CA ASP A 71 5.65 -19.13 14.39
C ASP A 71 4.82 -17.90 14.70
N SER A 72 4.07 -17.95 15.81
CA SER A 72 3.27 -16.81 16.22
C SER A 72 4.11 -15.56 16.37
N VAL A 73 5.40 -15.72 16.65
CA VAL A 73 6.35 -14.61 16.73
C VAL A 73 6.40 -13.89 15.40
N GLN A 74 6.90 -14.57 14.36
CA GLN A 74 7.11 -13.94 13.07
C GLN A 74 5.82 -13.31 12.55
N LEU A 75 4.72 -14.07 12.60
CA LEU A 75 3.44 -13.55 12.11
C LEU A 75 3.03 -12.29 12.85
N GLU A 76 3.23 -12.26 14.17
CA GLU A 76 2.97 -11.05 14.94
C GLU A 76 3.75 -9.87 14.38
N GLU A 77 5.07 -10.03 14.23
CA GLU A 77 5.90 -8.96 13.68
C GLU A 77 5.40 -8.52 12.32
N ILE A 78 4.88 -9.45 11.52
CA ILE A 78 4.44 -9.11 10.17
C ILE A 78 3.21 -8.21 10.22
N ALA A 79 2.17 -8.65 10.91
CA ALA A 79 0.93 -7.88 10.96
C ALA A 79 1.13 -6.51 11.56
N GLN A 80 2.13 -6.35 12.44
CA GLN A 80 2.52 -5.02 12.88
C GLN A 80 2.93 -4.15 11.70
N GLN A 81 3.84 -4.66 10.85
CA GLN A 81 4.34 -3.87 9.71
C GLN A 81 3.18 -3.47 8.81
N LEU A 82 2.25 -4.38 8.60
CA LEU A 82 1.14 -4.07 7.71
C LEU A 82 0.30 -2.92 8.26
N GLU A 83 0.11 -2.88 9.59
CA GLU A 83 -0.60 -1.77 10.20
C GLU A 83 0.13 -0.45 9.97
N GLU A 84 1.46 -0.46 10.11
CA GLU A 84 2.21 0.76 9.86
C GLU A 84 2.08 1.20 8.41
N ILE A 85 2.13 0.24 7.49
CA ILE A 85 2.03 0.58 6.09
C ILE A 85 0.65 1.12 5.77
N ALA A 86 -0.38 0.55 6.40
CA ALA A 86 -1.74 1.06 6.19
C ALA A 86 -1.85 2.50 6.66
N LYS A 87 -1.26 2.80 7.83
CA LYS A 87 -1.24 4.18 8.29
C LYS A 87 -0.56 5.09 7.27
N GLN A 88 0.62 4.69 6.76
CA GLN A 88 1.32 5.51 5.77
C GLN A 88 0.46 5.74 4.53
N LEU A 89 -0.21 4.69 4.06
CA LEU A 89 -1.06 4.85 2.88
C LEU A 89 -2.18 5.82 3.16
N LYS A 90 -2.73 5.80 4.39
CA LYS A 90 -3.80 6.74 4.71
C LYS A 90 -3.29 8.17 4.66
N LYS A 91 -2.10 8.40 5.21
CA LYS A 91 -1.49 9.73 5.16
C LYS A 91 -1.29 10.19 3.72
N ILE A 92 -0.84 9.28 2.86
CA ILE A 92 -0.64 9.60 1.45
C ILE A 92 -1.97 9.95 0.80
N ALA A 93 -3.01 9.15 1.07
CA ALA A 93 -4.33 9.45 0.55
C ALA A 93 -4.78 10.85 0.95
N TRP A 94 -4.48 11.26 2.18
CA TRP A 94 -4.90 12.59 2.62
C TRP A 94 -4.12 13.69 1.93
N GLN A 95 -2.81 13.50 1.72
CA GLN A 95 -2.05 14.52 0.98
C GLN A 95 -2.51 14.60 -0.48
N LEU A 96 -2.84 13.46 -1.08
CA LEU A 96 -3.38 13.51 -2.44
C LEU A 96 -4.72 14.22 -2.44
N LYS A 97 -5.50 14.04 -1.38
CA LYS A 97 -6.77 14.74 -1.26
C LYS A 97 -6.56 16.25 -1.28
N LYS A 98 -5.60 16.72 -0.47
CA LYS A 98 -5.36 18.16 -0.41
C LYS A 98 -4.82 18.68 -1.74
N ILE A 99 -3.90 17.96 -2.37
CA ILE A 99 -3.38 18.37 -3.68
C ILE A 99 -4.52 18.52 -4.67
N ALA A 100 -5.43 17.55 -4.70
CA ALA A 100 -6.55 17.58 -5.63
C ALA A 100 -7.29 18.91 -5.61
N GLN A 101 -7.51 19.46 -4.41
CA GLN A 101 -8.23 20.73 -4.29
C GLN A 101 -7.46 21.86 -4.99
N THR A 104 -5.36 21.23 -11.26
CA THR A 104 -6.62 21.29 -12.03
C THR A 104 -7.26 19.92 -12.12
N SER A 105 -6.69 19.06 -12.96
CA SER A 105 -7.17 17.69 -13.13
C SER A 105 -6.92 16.93 -11.83
N GLY A 106 -7.87 17.05 -10.91
CA GLY A 106 -7.74 16.47 -9.59
C GLY A 106 -8.79 15.43 -9.28
N GLY A 107 -9.71 15.19 -10.20
CA GLY A 107 -10.61 14.05 -10.05
C GLY A 107 -9.86 12.74 -10.03
N GLN A 108 -8.89 12.58 -10.93
CA GLN A 108 -8.05 11.39 -10.94
C GLN A 108 -7.33 11.24 -9.60
N LEU A 109 -6.91 12.36 -9.00
CA LEU A 109 -6.22 12.29 -7.73
C LEU A 109 -7.18 11.84 -6.62
N GLU A 110 -8.43 12.32 -6.66
CA GLU A 110 -9.41 11.85 -5.68
C GLU A 110 -9.63 10.35 -5.80
N GLU A 111 -9.75 9.85 -7.04
CA GLU A 111 -9.96 8.42 -7.24
C GLU A 111 -8.77 7.61 -6.75
N ILE A 112 -7.57 8.10 -6.97
CA ILE A 112 -6.38 7.38 -6.52
C ILE A 112 -6.33 7.32 -5.01
N ALA A 113 -6.56 8.46 -4.35
CA ALA A 113 -6.61 8.44 -2.89
C ALA A 113 -7.66 7.47 -2.39
N GLN A 114 -8.81 7.39 -3.08
CA GLN A 114 -9.83 6.44 -2.65
C GLN A 114 -9.31 5.02 -2.75
N GLN A 115 -8.66 4.70 -3.87
CA GLN A 115 -8.08 3.37 -4.00
C GLN A 115 -7.07 3.12 -2.90
N LEU A 116 -6.33 4.15 -2.50
CA LEU A 116 -5.30 3.95 -1.49
C LEU A 116 -5.91 3.74 -0.11
N GLU A 117 -7.01 4.42 0.18
CA GLU A 117 -7.66 4.23 1.46
C GLU A 117 -8.32 2.85 1.53
N GLU A 118 -8.84 2.36 0.41
CA GLU A 118 -9.38 1.00 0.40
C GLU A 118 -8.26 -0.04 0.54
N ILE A 119 -7.10 0.22 -0.05
CA ILE A 119 -5.96 -0.66 0.14
C ILE A 119 -5.51 -0.65 1.60
N ALA A 120 -5.50 0.53 2.22
CA ALA A 120 -5.21 0.61 3.65
C ALA A 120 -6.18 -0.24 4.46
N LYS A 121 -7.46 -0.20 4.08
CA LYS A 121 -8.44 -0.98 4.81
C LYS A 121 -8.16 -2.48 4.64
N GLN A 122 -7.91 -2.90 3.41
CA GLN A 122 -7.60 -4.30 3.17
C GLN A 122 -6.37 -4.72 3.96
N LEU A 123 -5.36 -3.85 4.04
CA LEU A 123 -4.16 -4.23 4.79
C LEU A 123 -4.46 -4.37 6.27
N LYS A 124 -5.22 -3.41 6.85
CA LYS A 124 -5.57 -3.51 8.26
C LYS A 124 -6.31 -4.81 8.54
N LYS A 125 -7.26 -5.15 7.66
CA LYS A 125 -7.99 -6.40 7.80
C LYS A 125 -7.05 -7.61 7.71
N ILE A 126 -6.04 -7.54 6.85
CA ILE A 126 -5.09 -8.65 6.75
C ILE A 126 -4.26 -8.76 8.01
N ALA A 127 -3.84 -7.63 8.55
CA ALA A 127 -3.16 -7.63 9.84
C ALA A 127 -4.00 -8.30 10.91
N TRP A 128 -5.30 -7.99 10.92
CA TRP A 128 -6.19 -8.57 11.94
C TRP A 128 -6.37 -10.06 11.75
N GLN A 129 -6.53 -10.52 10.49
CA GLN A 129 -6.62 -11.95 10.25
C GLN A 129 -5.32 -12.66 10.57
N LEU A 130 -4.18 -11.99 10.38
CA LEU A 130 -2.91 -12.53 10.84
C LEU A 130 -2.92 -12.70 12.35
N LYS A 131 -3.23 -11.63 13.08
CA LYS A 131 -3.26 -11.70 14.54
C LYS A 131 -4.24 -12.76 15.04
N LYS A 132 -5.32 -12.98 14.31
CA LYS A 132 -6.24 -14.06 14.67
C LYS A 132 -5.62 -15.41 14.40
N ILE A 133 -4.87 -15.53 13.31
CA ILE A 133 -4.11 -16.76 13.05
C ILE A 133 -3.06 -16.97 14.12
N ALA A 134 -2.52 -15.89 14.69
CA ALA A 134 -1.49 -16.00 15.72
C ALA A 134 -2.09 -16.26 17.09
#